data_1X8B
#
_entry.id   1X8B
#
_cell.length_a   69.782
_cell.length_b   69.782
_cell.length_c   157.017
_cell.angle_alpha   90
_cell.angle_beta   90
_cell.angle_gamma   90
#
_symmetry.space_group_name_H-M   'P 41 21 2'
#
loop_
_entity.id
_entity.type
_entity.pdbx_description
1 polymer 'Wee1-like protein kinase'
2 non-polymer 'MAGNESIUM ION'
3 non-polymer 9-HYDROXY-4-PHENYLPYRROLO[3,4-C]CARBAZOLE-1,3(2H,6H)-DIONE
4 water water
#
_entity_poly.entity_id   1
_entity_poly.type   'polypeptide(L)'
_entity_poly.pdbx_seq_one_letter_code
;GAMGMKSRYTTEFHELEKIGSGEFGSVFKCVKRLDGCIYAIKRSKKPLAGSVDEQNALREVYAHAVLGQHSHVVRYFSAW
AEDDHMLIQNEYCNGGSLADAISENYRIMSYFKEAELKDLLLQVGRGLRYIHSMSLVHMDIKPSNIFISRTSIPNAASEE
GDEDDWASNKVMFKIGDLGHVTRISSPQVEEGDSRFLANEVLQENYTHLPKADIFALALTVVCAAGAEPLPRNGDQWHEI
RQGRLPRIPQVLSQEFTELLKVMIHPDPERRPSAMALVKHSVLLSASRK
;
_entity_poly.pdbx_strand_id   A
#
loop_
_chem_comp.id
_chem_comp.type
_chem_comp.name
_chem_comp.formula
824 non-polymer 9-HYDROXY-4-PHENYLPYRROLO[3,4-C]CARBAZOLE-1,3(2H,6H)-DIONE 'C20 H12 N2 O3'
MG non-polymer 'MAGNESIUM ION' 'Mg 2'
#
# COMPACT_ATOMS: atom_id res chain seq x y z
N MET A 5 35.05 -5.07 -3.91
CA MET A 5 33.57 -5.30 -3.78
C MET A 5 33.13 -6.77 -3.84
N LYS A 6 32.45 -7.14 -4.93
CA LYS A 6 31.92 -8.50 -5.09
C LYS A 6 30.78 -8.67 -4.11
N SER A 7 29.77 -7.85 -4.32
CA SER A 7 28.56 -7.74 -3.53
C SER A 7 27.86 -9.08 -3.29
N ARG A 8 27.13 -9.18 -2.16
CA ARG A 8 26.21 -10.31 -2.01
C ARG A 8 25.16 -10.17 -3.14
N TYR A 9 24.71 -8.95 -3.37
CA TYR A 9 23.73 -8.70 -4.42
C TYR A 9 24.20 -9.23 -5.78
N THR A 10 25.45 -8.91 -6.13
CA THR A 10 25.97 -9.34 -7.40
C THR A 10 26.23 -10.81 -7.49
N THR A 11 26.73 -11.39 -6.40
CA THR A 11 27.11 -12.80 -6.45
C THR A 11 25.89 -13.74 -6.36
N GLU A 12 24.91 -13.34 -5.55
CA GLU A 12 23.72 -14.20 -5.35
C GLU A 12 22.58 -14.05 -6.32
N PHE A 13 22.52 -12.90 -7.02
CA PHE A 13 21.44 -12.59 -7.91
C PHE A 13 21.87 -12.13 -9.29
N HIS A 14 21.06 -12.46 -10.27
CA HIS A 14 21.19 -11.93 -11.63
C HIS A 14 20.13 -10.84 -11.78
N GLU A 15 20.56 -9.61 -12.00
CA GLU A 15 19.62 -8.51 -12.12
C GLU A 15 18.99 -8.51 -13.49
N LEU A 16 17.68 -8.60 -13.59
CA LEU A 16 16.98 -8.62 -14.88
C LEU A 16 16.58 -7.26 -15.40
N GLU A 17 15.90 -6.46 -14.58
CA GLU A 17 15.49 -5.12 -15.02
C GLU A 17 15.03 -4.31 -13.85
N LYS A 18 15.00 -2.99 -14.06
CA LYS A 18 14.52 -2.07 -13.06
C LYS A 18 12.99 -2.01 -13.17
N ILE A 19 12.30 -2.17 -12.06
CA ILE A 19 10.86 -2.16 -12.05
C ILE A 19 10.27 -1.02 -11.24
N GLY A 20 11.08 -0.31 -10.46
CA GLY A 20 10.55 0.82 -9.71
C GLY A 20 11.66 1.74 -9.31
N SER A 21 11.32 3.02 -9.09
CA SER A 21 12.33 4.00 -8.73
C SER A 21 11.69 5.11 -7.92
N GLY A 22 12.51 5.78 -7.13
CA GLY A 22 11.98 6.83 -6.30
C GLY A 22 13.13 7.64 -5.81
N GLU A 23 12.82 8.44 -4.80
CA GLU A 23 13.78 9.31 -4.15
C GLU A 23 14.15 8.51 -2.94
N PHE A 24 13.82 7.23 -3.01
CA PHE A 24 14.08 6.28 -1.97
C PHE A 24 14.90 5.12 -2.58
N GLY A 25 15.58 5.37 -3.70
CA GLY A 25 16.27 4.29 -4.39
C GLY A 25 15.41 3.55 -5.43
N SER A 26 15.87 2.36 -5.84
CA SER A 26 15.24 1.63 -6.95
C SER A 26 14.96 0.18 -6.59
N VAL A 27 14.04 -0.43 -7.35
CA VAL A 27 13.65 -1.85 -7.14
C VAL A 27 13.94 -2.60 -8.43
N PHE A 28 14.55 -3.77 -8.33
CA PHE A 28 14.92 -4.53 -9.51
C PHE A 28 14.31 -5.94 -9.47
N LYS A 29 13.91 -6.43 -10.62
CA LYS A 29 13.41 -7.82 -10.74
C LYS A 29 14.72 -8.63 -10.89
N CYS A 30 14.98 -9.58 -10.01
CA CYS A 30 16.21 -10.36 -10.04
C CYS A 30 15.95 -11.81 -9.91
N VAL A 31 16.81 -12.61 -10.51
CA VAL A 31 16.74 -14.05 -10.32
C VAL A 31 17.80 -14.51 -9.31
N LYS A 32 17.38 -15.22 -8.26
CA LYS A 32 18.37 -15.75 -7.33
C LYS A 32 19.04 -16.96 -7.95
N ARG A 33 20.38 -16.93 -8.05
CA ARG A 33 21.07 -17.96 -8.78
C ARG A 33 20.88 -19.36 -8.19
N LEU A 34 20.89 -19.47 -6.86
CA LEU A 34 20.88 -20.78 -6.23
C LEU A 34 19.51 -21.44 -6.33
N ASP A 35 18.48 -20.66 -6.10
CA ASP A 35 17.14 -21.26 -6.12
C ASP A 35 16.32 -21.09 -7.38
N GLY A 36 16.83 -20.39 -8.40
CA GLY A 36 16.09 -20.14 -9.63
C GLY A 36 14.86 -19.24 -9.64
N CYS A 37 14.49 -18.71 -8.48
CA CYS A 37 13.27 -17.92 -8.33
C CYS A 37 13.51 -16.42 -8.57
N ILE A 38 12.43 -15.74 -8.94
CA ILE A 38 12.49 -14.31 -9.23
C ILE A 38 12.05 -13.52 -7.99
N TYR A 39 12.79 -12.47 -7.62
CA TYR A 39 12.41 -11.68 -6.47
C TYR A 39 12.44 -10.22 -6.86
N ALA A 40 11.83 -9.39 -6.04
CA ALA A 40 11.91 -7.96 -6.23
C ALA A 40 12.91 -7.48 -5.13
N ILE A 41 13.98 -6.79 -5.52
CA ILE A 41 14.98 -6.36 -4.53
C ILE A 41 15.05 -4.83 -4.59
N LYS A 42 14.82 -4.19 -3.45
CA LYS A 42 14.91 -2.73 -3.35
C LYS A 42 16.29 -2.40 -2.84
N ARG A 43 16.99 -1.49 -3.52
CA ARG A 43 18.39 -1.21 -3.16
C ARG A 43 18.42 0.29 -2.96
N SER A 44 18.70 0.73 -1.74
CA SER A 44 18.67 2.13 -1.41
C SER A 44 19.97 2.59 -0.70
N LYS A 45 20.31 3.86 -0.82
CA LYS A 45 21.51 4.36 -0.11
C LYS A 45 21.34 4.21 1.43
N LYS A 46 22.37 3.70 2.07
CA LYS A 46 22.37 3.44 3.52
C LYS A 46 22.41 4.73 4.36
N PRO A 47 21.43 4.93 5.23
CA PRO A 47 21.40 6.15 6.04
C PRO A 47 22.56 6.22 7.03
N LEU A 48 22.87 7.42 7.51
CA LEU A 48 23.87 7.56 8.57
C LEU A 48 23.42 6.77 9.79
N ALA A 49 24.29 5.87 10.25
CA ALA A 49 24.00 5.05 11.43
C ALA A 49 23.52 5.89 12.59
N GLY A 50 22.44 5.43 13.24
CA GLY A 50 21.92 6.13 14.40
C GLY A 50 21.05 7.34 14.10
N SER A 51 20.89 7.66 12.83
CA SER A 51 20.05 8.77 12.45
C SER A 51 18.58 8.41 12.44
N VAL A 52 17.74 9.44 12.48
CA VAL A 52 16.31 9.26 12.37
C VAL A 52 16.05 8.55 11.07
N ASP A 53 16.78 8.92 10.02
CA ASP A 53 16.52 8.25 8.76
C ASP A 53 16.83 6.76 8.83
N GLU A 54 17.83 6.37 9.61
CA GLU A 54 18.16 4.94 9.72
C GLU A 54 17.08 4.23 10.51
N GLN A 55 16.57 4.89 11.56
CA GLN A 55 15.45 4.30 12.30
C GLN A 55 14.30 4.07 11.39
N ASN A 56 14.03 5.03 10.50
CA ASN A 56 12.94 4.87 9.58
C ASN A 56 13.21 3.74 8.59
N ALA A 57 14.45 3.63 8.14
CA ALA A 57 14.76 2.60 7.17
C ALA A 57 14.60 1.22 7.84
N LEU A 58 15.01 1.14 9.09
CA LEU A 58 14.94 -0.15 9.78
C LEU A 58 13.52 -0.56 10.11
N ARG A 59 12.64 0.42 10.39
CA ARG A 59 11.23 0.06 10.59
C ARG A 59 10.67 -0.74 9.45
N GLU A 60 11.09 -0.40 8.22
CA GLU A 60 10.59 -1.14 7.10
C GLU A 60 10.97 -2.65 7.22
N VAL A 61 12.24 -2.88 7.50
CA VAL A 61 12.74 -4.22 7.67
C VAL A 61 12.02 -4.94 8.82
N TYR A 62 11.94 -4.27 9.97
CA TYR A 62 11.26 -4.87 11.15
C TYR A 62 9.77 -5.20 10.82
N ALA A 63 9.08 -4.29 10.10
CA ALA A 63 7.68 -4.51 9.68
C ALA A 63 7.63 -5.74 8.72
N HIS A 64 8.52 -5.78 7.76
CA HIS A 64 8.58 -6.97 6.92
C HIS A 64 8.89 -8.23 7.66
N ALA A 65 9.78 -8.19 8.63
CA ALA A 65 10.17 -9.39 9.38
C ALA A 65 9.00 -9.98 10.22
N VAL A 66 7.94 -9.20 10.41
CA VAL A 66 6.78 -9.70 11.17
C VAL A 66 5.49 -9.82 10.34
N LEU A 67 5.50 -9.35 9.10
CA LEU A 67 4.31 -9.39 8.30
C LEU A 67 4.67 -10.36 7.13
N GLY A 68 5.23 -11.54 7.43
CA GLY A 68 5.61 -12.39 6.29
C GLY A 68 4.82 -13.67 6.04
N GLN A 69 3.70 -13.80 6.75
CA GLN A 69 2.93 -15.00 6.63
C GLN A 69 1.54 -14.76 6.06
N HIS A 70 1.32 -13.63 5.44
CA HIS A 70 -0.08 -13.36 4.98
C HIS A 70 -0.20 -13.34 3.48
N SER A 71 -1.27 -13.94 2.92
CA SER A 71 -1.43 -14.02 1.49
C SER A 71 -1.68 -12.69 0.81
N HIS A 72 -2.04 -11.68 1.57
CA HIS A 72 -2.31 -10.36 0.97
C HIS A 72 -1.32 -9.28 1.40
N VAL A 73 -0.12 -9.73 1.82
CA VAL A 73 0.97 -8.79 2.06
C VAL A 73 2.18 -9.40 1.33
N VAL A 74 2.88 -8.58 0.58
CA VAL A 74 4.08 -9.04 -0.17
C VAL A 74 5.03 -9.74 0.86
N ARG A 75 5.51 -10.93 0.55
CA ARG A 75 6.39 -11.65 1.51
C ARG A 75 7.81 -11.14 1.47
N TYR A 76 8.43 -11.19 2.63
CA TYR A 76 9.81 -10.80 2.79
C TYR A 76 10.67 -12.08 2.83
N PHE A 77 11.86 -11.98 2.24
CA PHE A 77 12.84 -13.03 2.25
C PHE A 77 14.09 -12.65 3.01
N SER A 78 14.71 -11.49 2.71
CA SER A 78 15.91 -11.15 3.43
C SER A 78 16.20 -9.68 3.27
N ALA A 79 17.13 -9.22 4.10
CA ALA A 79 17.59 -7.83 3.99
C ALA A 79 19.04 -7.82 4.47
N TRP A 80 19.86 -6.92 3.92
CA TRP A 80 21.25 -6.85 4.34
C TRP A 80 21.84 -5.49 3.91
N ALA A 81 23.04 -5.20 4.40
CA ALA A 81 23.70 -3.96 4.01
C ALA A 81 25.04 -4.24 3.43
N GLU A 82 25.35 -3.50 2.38
CA GLU A 82 26.64 -3.60 1.76
C GLU A 82 26.88 -2.38 0.94
N ASP A 83 28.10 -1.91 1.11
CA ASP A 83 28.52 -0.73 0.41
C ASP A 83 27.89 0.43 1.09
N ASP A 84 27.17 1.17 0.28
CA ASP A 84 26.62 2.37 0.77
C ASP A 84 25.21 2.11 0.64
N HIS A 85 24.84 0.80 0.61
CA HIS A 85 23.46 0.44 0.39
C HIS A 85 22.85 -0.52 1.42
N MET A 86 21.55 -0.37 1.55
CA MET A 86 20.71 -1.33 2.24
C MET A 86 19.88 -2.03 1.14
N LEU A 87 19.65 -3.33 1.28
CA LEU A 87 18.84 -4.06 0.30
C LEU A 87 17.77 -4.85 1.05
N ILE A 88 16.60 -4.99 0.43
CA ILE A 88 15.48 -5.81 0.94
C ILE A 88 15.02 -6.66 -0.25
N GLN A 89 14.94 -7.96 -0.01
CA GLN A 89 14.56 -8.93 -1.02
C GLN A 89 13.18 -9.44 -0.67
N ASN A 90 12.22 -9.13 -1.54
CA ASN A 90 10.83 -9.51 -1.33
C ASN A 90 10.30 -10.41 -2.47
N GLU A 91 9.14 -11.01 -2.19
CA GLU A 91 8.38 -11.71 -3.23
C GLU A 91 8.16 -10.82 -4.46
N TYR A 92 8.30 -11.41 -5.66
CA TYR A 92 8.05 -10.66 -6.86
C TYR A 92 6.63 -10.94 -7.33
N CYS A 93 5.86 -9.91 -7.65
CA CYS A 93 4.47 -10.06 -8.14
C CYS A 93 4.44 -9.79 -9.63
N ASN A 94 4.15 -10.82 -10.42
CA ASN A 94 4.36 -10.68 -11.87
C ASN A 94 3.25 -9.98 -12.59
N GLY A 95 2.23 -9.57 -11.84
CA GLY A 95 1.12 -8.83 -12.45
C GLY A 95 1.24 -7.33 -12.42
N GLY A 96 2.31 -6.83 -11.80
CA GLY A 96 2.58 -5.39 -11.78
C GLY A 96 1.78 -4.68 -10.69
N SER A 97 1.77 -3.34 -10.72
CA SER A 97 1.06 -2.63 -9.65
C SER A 97 -0.43 -2.40 -10.01
N LEU A 98 -1.24 -2.22 -8.99
CA LEU A 98 -2.64 -1.80 -9.24
C LEU A 98 -2.69 -0.49 -10.01
N ALA A 99 -1.79 0.42 -9.68
CA ALA A 99 -1.72 1.69 -10.40
C ALA A 99 -1.60 1.51 -11.90
N ASP A 100 -0.71 0.62 -12.33
CA ASP A 100 -0.56 0.38 -13.73
C ASP A 100 -1.80 -0.23 -14.38
N ALA A 101 -2.48 -1.13 -13.65
CA ALA A 101 -3.72 -1.73 -14.21
C ALA A 101 -4.76 -0.62 -14.35
N ILE A 102 -4.82 0.27 -13.36
CA ILE A 102 -5.82 1.37 -13.40
C ILE A 102 -5.51 2.32 -14.55
N SER A 103 -4.21 2.64 -14.76
CA SER A 103 -3.84 3.54 -15.85
C SER A 103 -4.24 2.92 -17.25
N GLU A 104 -4.02 1.61 -17.43
CA GLU A 104 -4.37 0.95 -18.67
C GLU A 104 -5.91 1.00 -18.84
N ASN A 105 -6.63 0.67 -17.79
CA ASN A 105 -8.09 0.72 -17.80
C ASN A 105 -8.60 2.11 -18.17
N TYR A 106 -7.97 3.12 -17.57
CA TYR A 106 -8.37 4.51 -17.87
C TYR A 106 -8.33 4.79 -19.35
N ARG A 107 -7.28 4.34 -20.04
CA ARG A 107 -7.10 4.69 -21.41
C ARG A 107 -8.10 3.92 -22.29
N ILE A 108 -8.51 2.74 -21.83
CA ILE A 108 -9.36 1.84 -22.64
C ILE A 108 -10.84 2.00 -22.29
N MET A 109 -11.12 2.83 -21.30
CA MET A 109 -12.50 3.11 -20.81
C MET A 109 -13.23 1.83 -20.32
N SER A 110 -12.47 0.93 -19.69
CA SER A 110 -13.07 -0.31 -19.20
C SER A 110 -12.44 -0.52 -17.81
N TYR A 111 -13.22 -0.32 -16.76
CA TYR A 111 -12.69 -0.22 -15.38
C TYR A 111 -12.92 -1.57 -14.64
N PHE A 112 -12.56 -1.62 -13.37
CA PHE A 112 -12.89 -2.80 -12.55
C PHE A 112 -14.40 -2.76 -12.35
N LYS A 113 -15.08 -3.87 -12.58
CA LYS A 113 -16.55 -3.91 -12.40
C LYS A 113 -16.88 -4.17 -10.93
N GLU A 114 -18.17 -4.03 -10.56
CA GLU A 114 -18.51 -4.11 -9.12
C GLU A 114 -17.99 -5.35 -8.43
N ALA A 115 -18.15 -6.51 -9.06
CA ALA A 115 -17.65 -7.73 -8.45
C ALA A 115 -16.14 -7.71 -8.24
N GLU A 116 -15.42 -7.09 -9.17
CA GLU A 116 -13.98 -7.00 -9.08
C GLU A 116 -13.55 -5.96 -8.04
N LEU A 117 -14.28 -4.85 -7.94
CA LEU A 117 -14.02 -3.88 -6.88
C LEU A 117 -14.23 -4.49 -5.49
N LYS A 118 -15.28 -5.30 -5.36
CA LYS A 118 -15.55 -5.95 -4.06
C LYS A 118 -14.41 -6.94 -3.73
N ASP A 119 -13.94 -7.66 -4.71
CA ASP A 119 -12.80 -8.57 -4.53
C ASP A 119 -11.53 -7.82 -4.11
N LEU A 120 -11.24 -6.68 -4.76
CA LEU A 120 -10.08 -5.85 -4.39
C LEU A 120 -10.21 -5.35 -2.92
N LEU A 121 -11.39 -4.84 -2.59
CA LEU A 121 -11.65 -4.29 -1.29
C LEU A 121 -11.52 -5.38 -0.21
N LEU A 122 -12.09 -6.56 -0.46
CA LEU A 122 -11.98 -7.69 0.49
C LEU A 122 -10.54 -8.17 0.65
N GLN A 123 -9.83 -8.32 -0.47
CA GLN A 123 -8.48 -8.81 -0.39
C GLN A 123 -7.54 -7.87 0.36
N VAL A 124 -7.53 -6.61 -0.02
CA VAL A 124 -6.67 -5.67 0.69
C VAL A 124 -7.19 -5.50 2.12
N GLY A 125 -8.51 -5.50 2.31
CA GLY A 125 -9.09 -5.47 3.63
C GLY A 125 -8.53 -6.62 4.51
N ARG A 126 -8.44 -7.82 3.98
CA ARG A 126 -7.83 -8.91 4.77
C ARG A 126 -6.34 -8.60 5.13
N GLY A 127 -5.60 -8.09 4.16
CA GLY A 127 -4.24 -7.66 4.38
C GLY A 127 -4.15 -6.62 5.49
N LEU A 128 -5.01 -5.61 5.46
CA LEU A 128 -5.12 -4.64 6.55
C LEU A 128 -5.53 -5.23 7.91
N ARG A 129 -6.45 -6.19 7.91
CA ARG A 129 -6.86 -6.80 9.14
C ARG A 129 -5.65 -7.52 9.76
N TYR A 130 -4.84 -8.19 8.94
CA TYR A 130 -3.59 -8.82 9.45
C TYR A 130 -2.57 -7.79 10.01
N ILE A 131 -2.25 -6.77 9.23
CA ILE A 131 -1.33 -5.72 9.71
C ILE A 131 -1.88 -5.10 10.99
N HIS A 132 -3.15 -4.73 11.04
CA HIS A 132 -3.72 -4.14 12.23
C HIS A 132 -3.74 -5.08 13.45
N SER A 133 -3.87 -6.39 13.21
CA SER A 133 -3.86 -7.36 14.31
C SER A 133 -2.48 -7.41 14.97
N MET A 134 -1.47 -7.04 14.22
CA MET A 134 -0.10 -6.97 14.72
C MET A 134 0.23 -5.63 15.39
N SER A 135 -0.78 -4.82 15.68
CA SER A 135 -0.63 -3.50 16.32
C SER A 135 0.26 -2.59 15.46
N LEU A 136 0.10 -2.70 14.15
CA LEU A 136 0.85 -1.88 13.22
C LEU A 136 -0.15 -1.24 12.29
N VAL A 137 0.26 -0.15 11.62
CA VAL A 137 -0.54 0.52 10.59
C VAL A 137 0.34 0.77 9.37
N HIS A 138 -0.27 0.77 8.19
CA HIS A 138 0.52 0.83 6.95
C HIS A 138 0.91 2.30 6.62
N MET A 139 -0.09 3.18 6.65
CA MET A 139 0.07 4.66 6.50
C MET A 139 0.40 5.13 5.09
N ASP A 140 0.33 4.23 4.10
CA ASP A 140 0.52 4.71 2.73
C ASP A 140 -0.15 3.81 1.70
N ILE A 141 -1.36 3.39 2.04
CA ILE A 141 -2.13 2.59 1.08
C ILE A 141 -2.49 3.43 -0.16
N LYS A 142 -2.17 2.90 -1.36
CA LYS A 142 -2.61 3.54 -2.62
C LYS A 142 -2.27 2.54 -3.74
N PRO A 143 -2.81 2.75 -4.93
CA PRO A 143 -2.63 1.80 -6.03
C PRO A 143 -1.16 1.49 -6.35
N SER A 144 -0.25 2.43 -6.23
CA SER A 144 1.13 2.06 -6.58
C SER A 144 1.80 1.16 -5.51
N ASN A 145 1.16 1.00 -4.35
CA ASN A 145 1.66 0.13 -3.28
C ASN A 145 0.87 -1.16 -3.16
N ILE A 146 -0.03 -1.42 -4.12
CA ILE A 146 -0.73 -2.68 -4.14
C ILE A 146 -0.26 -3.40 -5.37
N PHE A 147 0.13 -4.68 -5.22
CA PHE A 147 0.68 -5.47 -6.35
C PHE A 147 -0.18 -6.66 -6.72
N ILE A 148 -0.06 -7.09 -7.97
CA ILE A 148 -0.98 -8.13 -8.46
C ILE A 148 -0.20 -9.37 -8.78
N SER A 149 -0.75 -10.49 -8.36
CA SER A 149 -0.14 -11.81 -8.58
C SER A 149 -1.28 -12.76 -9.07
N LYS A 170 -6.97 -17.01 -10.74
CA LYS A 170 -7.50 -15.98 -9.81
C LYS A 170 -6.52 -14.88 -9.48
N VAL A 171 -6.98 -13.64 -9.58
CA VAL A 171 -6.09 -12.54 -9.29
C VAL A 171 -5.90 -12.39 -7.78
N MET A 172 -4.67 -12.07 -7.37
CA MET A 172 -4.39 -11.88 -5.94
C MET A 172 -3.78 -10.52 -5.75
N PHE A 173 -4.35 -9.72 -4.84
CA PHE A 173 -3.80 -8.39 -4.57
C PHE A 173 -3.00 -8.46 -3.28
N LYS A 174 -1.84 -7.81 -3.26
CA LYS A 174 -0.97 -7.89 -2.06
C LYS A 174 -0.48 -6.48 -1.74
N ILE A 175 -0.50 -6.13 -0.45
CA ILE A 175 -0.03 -4.83 0.00
C ILE A 175 1.52 -4.89 0.05
N GLY A 176 2.17 -3.90 -0.55
CA GLY A 176 3.61 -3.77 -0.46
C GLY A 176 3.98 -2.39 0.03
N ASP A 177 5.27 -2.10 -0.11
CA ASP A 177 5.87 -0.85 0.30
C ASP A 177 5.55 -0.54 1.78
N LEU A 178 6.32 -1.18 2.68
CA LEU A 178 6.08 -1.02 4.12
C LEU A 178 6.89 0.16 4.69
N GLY A 179 7.34 1.06 3.82
CA GLY A 179 8.22 2.17 4.23
C GLY A 179 7.60 3.23 5.18
N HIS A 180 6.27 3.22 5.37
CA HIS A 180 5.62 4.13 6.28
C HIS A 180 5.00 3.39 7.50
N VAL A 181 5.21 2.08 7.58
CA VAL A 181 4.66 1.29 8.68
C VAL A 181 5.13 1.81 10.04
N THR A 182 4.20 1.94 10.99
CA THR A 182 4.62 2.26 12.35
C THR A 182 3.62 1.60 13.32
N ARG A 183 3.98 1.54 14.59
CA ARG A 183 3.04 0.96 15.58
C ARG A 183 1.76 1.80 15.69
N ILE A 184 0.67 1.14 16.07
CA ILE A 184 -0.62 1.79 16.05
C ILE A 184 -0.75 2.96 17.00
N SER A 185 -0.01 2.95 18.12
CA SER A 185 -0.14 4.01 19.11
C SER A 185 1.06 4.99 19.01
N SER A 186 1.72 5.01 17.87
CA SER A 186 2.89 5.90 17.71
C SER A 186 2.48 7.37 17.85
N PRO A 187 3.26 8.14 18.59
CA PRO A 187 2.98 9.56 18.80
C PRO A 187 3.55 10.39 17.64
N GLN A 188 4.40 9.78 16.84
CA GLN A 188 4.97 10.41 15.65
C GLN A 188 4.70 9.57 14.43
N VAL A 189 4.26 10.20 13.36
CA VAL A 189 4.04 9.43 12.14
C VAL A 189 4.56 10.15 10.89
N GLU A 190 4.97 9.39 9.91
CA GLU A 190 5.30 10.01 8.66
C GLU A 190 4.07 9.88 7.73
N GLU A 191 3.60 11.02 7.29
CA GLU A 191 2.44 11.17 6.41
C GLU A 191 2.59 10.43 5.10
N GLY A 192 1.56 9.67 4.70
CA GLY A 192 1.58 8.99 3.40
C GLY A 192 1.11 9.97 2.29
N ASP A 193 0.93 9.44 1.07
CA ASP A 193 0.59 10.23 -0.12
C ASP A 193 -0.60 11.18 0.14
N SER A 194 -0.41 12.44 -0.17
CA SER A 194 -1.44 13.46 0.07
C SER A 194 -2.79 13.12 -0.57
N ARG A 195 -2.76 12.40 -1.69
CA ARG A 195 -4.01 12.13 -2.39
C ARG A 195 -4.89 11.16 -1.60
N PHE A 196 -4.27 10.34 -0.75
CA PHE A 196 -5.04 9.31 0.02
C PHE A 196 -5.08 9.58 1.50
N LEU A 197 -4.63 10.76 1.89
CA LEU A 197 -4.44 11.07 3.29
C LEU A 197 -5.68 11.55 3.99
N ALA A 198 -6.03 10.90 5.11
CA ALA A 198 -7.19 11.38 5.90
C ALA A 198 -6.83 12.70 6.62
N ASN A 199 -7.83 13.57 6.80
CA ASN A 199 -7.64 14.86 7.39
C ASN A 199 -7.09 14.80 8.80
N GLU A 200 -7.58 13.83 9.57
CA GLU A 200 -7.19 13.81 10.98
C GLU A 200 -5.67 13.59 11.10
N VAL A 201 -5.10 12.80 10.18
CA VAL A 201 -3.67 12.55 10.18
C VAL A 201 -2.94 13.82 9.81
N LEU A 202 -3.40 14.47 8.75
CA LEU A 202 -2.85 15.77 8.41
C LEU A 202 -2.94 16.70 9.63
N GLN A 203 -4.02 16.61 10.41
CA GLN A 203 -4.16 17.52 11.56
C GLN A 203 -3.34 17.07 12.78
N GLU A 204 -2.56 16.01 12.62
CA GLU A 204 -1.70 15.51 13.69
C GLU A 204 -2.44 14.83 14.84
N ASN A 205 -3.62 14.28 14.52
CA ASN A 205 -4.43 13.57 15.48
C ASN A 205 -4.27 12.10 15.19
N TYR A 206 -3.51 11.39 16.01
CA TYR A 206 -3.19 9.99 15.74
C TYR A 206 -3.91 8.99 16.65
N THR A 207 -5.10 9.38 17.13
CA THR A 207 -5.87 8.55 18.03
C THR A 207 -6.52 7.32 17.37
N HIS A 208 -6.67 7.34 16.04
CA HIS A 208 -7.34 6.23 15.34
C HIS A 208 -6.61 5.91 14.05
N LEU A 209 -5.29 5.72 14.17
CA LEU A 209 -4.52 5.43 12.98
C LEU A 209 -5.01 4.37 12.02
N PRO A 210 -5.52 3.24 12.50
CA PRO A 210 -5.97 2.17 11.59
C PRO A 210 -7.06 2.69 10.62
N LYS A 211 -7.85 3.65 11.05
CA LYS A 211 -8.93 4.23 10.23
C LYS A 211 -8.39 5.09 9.08
N ALA A 212 -7.14 5.55 9.24
CA ALA A 212 -6.48 6.23 8.14
C ALA A 212 -6.22 5.22 6.98
N ASP A 213 -5.87 3.97 7.33
CA ASP A 213 -5.63 2.96 6.30
C ASP A 213 -6.98 2.63 5.61
N ILE A 214 -8.06 2.63 6.39
CA ILE A 214 -9.40 2.36 5.82
C ILE A 214 -9.77 3.46 4.83
N PHE A 215 -9.61 4.72 5.22
CA PHE A 215 -9.89 5.84 4.35
C PHE A 215 -9.11 5.76 3.03
N ALA A 216 -7.82 5.47 3.11
CA ALA A 216 -7.00 5.35 1.88
C ALA A 216 -7.43 4.16 1.01
N LEU A 217 -7.81 3.05 1.63
CA LEU A 217 -8.28 1.87 0.85
C LEU A 217 -9.55 2.26 0.10
N ALA A 218 -10.51 2.96 0.76
CA ALA A 218 -11.69 3.37 -0.03
C ALA A 218 -11.33 4.22 -1.24
N LEU A 219 -10.46 5.19 -1.08
CA LEU A 219 -10.08 6.00 -2.22
C LEU A 219 -9.32 5.15 -3.25
N THR A 220 -8.55 4.18 -2.77
CA THR A 220 -7.90 3.26 -3.71
C THR A 220 -8.96 2.55 -4.59
N VAL A 221 -10.04 2.09 -3.96
CA VAL A 221 -11.09 1.39 -4.73
C VAL A 221 -11.81 2.34 -5.69
N VAL A 222 -11.98 3.60 -5.28
CA VAL A 222 -12.55 4.62 -6.15
C VAL A 222 -11.70 4.80 -7.39
N CYS A 223 -10.38 4.82 -7.22
CA CYS A 223 -9.49 4.91 -8.38
C CYS A 223 -9.70 3.68 -9.30
N ALA A 224 -9.76 2.49 -8.71
CA ALA A 224 -10.01 1.30 -9.53
C ALA A 224 -11.38 1.31 -10.27
N ALA A 225 -12.35 2.00 -9.70
CA ALA A 225 -13.69 2.08 -10.28
C ALA A 225 -13.72 3.04 -11.48
N GLY A 226 -12.61 3.76 -11.75
CA GLY A 226 -12.49 4.56 -12.97
C GLY A 226 -12.51 6.07 -12.71
N ALA A 227 -12.38 6.47 -11.46
CA ALA A 227 -12.41 7.91 -11.17
C ALA A 227 -11.26 8.69 -11.81
N GLU A 228 -11.48 9.99 -11.99
CA GLU A 228 -10.40 10.87 -12.40
C GLU A 228 -9.29 10.82 -11.33
N PRO A 229 -8.06 11.16 -11.73
CA PRO A 229 -6.94 11.23 -10.79
C PRO A 229 -7.27 12.17 -9.62
N LEU A 230 -6.94 11.72 -8.43
CA LEU A 230 -7.34 12.39 -7.20
C LEU A 230 -6.56 13.66 -6.95
N PRO A 231 -7.21 14.63 -6.31
CA PRO A 231 -6.58 15.91 -6.03
C PRO A 231 -5.54 15.82 -4.91
N ARG A 232 -4.46 16.60 -5.05
CA ARG A 232 -3.36 16.57 -4.09
C ARG A 232 -3.60 17.59 -2.98
N ASN A 233 -4.42 18.58 -3.30
CA ASN A 233 -4.78 19.65 -2.38
C ASN A 233 -5.90 20.49 -3.01
N GLY A 234 -6.20 21.61 -2.39
CA GLY A 234 -7.20 22.51 -2.94
C GLY A 234 -8.63 22.15 -2.60
N ASP A 235 -9.56 22.83 -3.23
CA ASP A 235 -10.97 22.63 -2.93
C ASP A 235 -11.52 21.18 -3.10
N GLN A 236 -11.11 20.45 -4.14
CA GLN A 236 -11.62 19.11 -4.34
C GLN A 236 -11.08 18.18 -3.24
N TRP A 237 -9.88 18.46 -2.75
CA TRP A 237 -9.28 17.65 -1.67
C TRP A 237 -10.13 17.80 -0.40
N HIS A 238 -10.46 19.03 -0.02
CA HIS A 238 -11.27 19.23 1.16
C HIS A 238 -12.63 18.64 1.05
N GLU A 239 -13.23 18.69 -0.14
CA GLU A 239 -14.57 18.13 -0.33
C GLU A 239 -14.62 16.64 -0.04
N ILE A 240 -13.61 15.91 -0.51
CA ILE A 240 -13.58 14.47 -0.28
C ILE A 240 -13.49 14.22 1.22
N ARG A 241 -12.72 15.05 1.91
CA ARG A 241 -12.51 14.88 3.34
C ARG A 241 -13.78 15.20 4.14
N GLN A 242 -14.73 15.83 3.49
CA GLN A 242 -16.02 16.11 4.09
C GLN A 242 -16.90 14.88 3.96
N GLY A 243 -16.34 13.83 3.37
CA GLY A 243 -17.01 12.56 3.17
C GLY A 243 -17.74 12.40 1.85
N ARG A 244 -17.40 13.19 0.84
CA ARG A 244 -18.06 13.12 -0.47
C ARG A 244 -17.20 12.33 -1.45
N LEU A 245 -17.76 11.24 -1.96
CA LEU A 245 -17.02 10.40 -2.86
C LEU A 245 -16.86 11.06 -4.18
N PRO A 246 -15.67 10.97 -4.78
CA PRO A 246 -15.45 11.49 -6.12
C PRO A 246 -16.37 10.76 -7.11
N ARG A 247 -16.61 11.40 -8.24
CA ARG A 247 -17.49 10.82 -9.27
C ARG A 247 -16.88 9.50 -9.79
N ILE A 248 -17.71 8.47 -9.96
CA ILE A 248 -17.25 7.14 -10.47
C ILE A 248 -18.04 6.89 -11.75
N PRO A 249 -17.36 6.64 -12.87
CA PRO A 249 -18.00 6.52 -14.20
C PRO A 249 -18.72 5.20 -14.50
N GLN A 250 -19.39 4.61 -13.52
CA GLN A 250 -20.09 3.39 -13.74
C GLN A 250 -21.16 3.34 -12.63
N VAL A 251 -22.17 2.54 -12.84
CA VAL A 251 -23.25 2.42 -11.87
C VAL A 251 -22.89 1.34 -10.87
N LEU A 252 -22.90 1.70 -9.60
CA LEU A 252 -22.58 0.74 -8.53
C LEU A 252 -23.83 0.58 -7.64
N SER A 253 -24.03 -0.60 -7.06
CA SER A 253 -25.16 -0.78 -6.16
C SER A 253 -25.15 0.27 -5.04
N GLN A 254 -26.32 0.68 -4.58
CA GLN A 254 -26.35 1.68 -3.51
C GLN A 254 -25.64 1.19 -2.23
N GLU A 255 -25.73 -0.10 -1.94
CA GLU A 255 -25.18 -0.69 -0.73
C GLU A 255 -23.64 -0.61 -0.76
N PHE A 256 -23.10 -0.84 -1.93
CA PHE A 256 -21.63 -0.80 -2.08
C PHE A 256 -21.14 0.68 -2.01
N THR A 257 -21.84 1.59 -2.71
CA THR A 257 -21.51 3.01 -2.66
C THR A 257 -21.59 3.51 -1.20
N GLU A 258 -22.63 3.08 -0.47
CA GLU A 258 -22.70 3.50 0.96
C GLU A 258 -21.53 3.00 1.78
N LEU A 259 -21.05 1.80 1.49
CA LEU A 259 -19.88 1.29 2.22
C LEU A 259 -18.65 2.16 1.90
N LEU A 260 -18.40 2.43 0.59
CA LEU A 260 -17.28 3.31 0.27
C LEU A 260 -17.45 4.67 0.96
N LYS A 261 -18.67 5.19 0.98
CA LYS A 261 -18.87 6.46 1.66
C LYS A 261 -18.60 6.44 3.15
N VAL A 262 -19.03 5.39 3.83
CA VAL A 262 -18.77 5.39 5.25
C VAL A 262 -17.25 5.24 5.54
N MET A 263 -16.55 4.58 4.62
CA MET A 263 -15.12 4.39 4.78
C MET A 263 -14.37 5.71 4.70
N ILE A 264 -14.98 6.76 4.15
CA ILE A 264 -14.30 8.09 4.11
C ILE A 264 -14.99 9.09 5.01
N HIS A 265 -15.73 8.57 5.99
CA HIS A 265 -16.47 9.47 6.87
C HIS A 265 -15.49 10.39 7.62
N PRO A 266 -15.81 11.67 7.78
CA PRO A 266 -14.94 12.62 8.51
C PRO A 266 -14.62 12.19 9.95
N ASP A 267 -15.52 11.38 10.52
CA ASP A 267 -15.31 10.86 11.85
C ASP A 267 -14.70 9.50 11.75
N PRO A 268 -13.41 9.36 12.11
CA PRO A 268 -12.71 8.09 11.94
C PRO A 268 -13.41 6.96 12.66
N GLU A 269 -14.08 7.24 13.80
CA GLU A 269 -14.79 6.22 14.56
C GLU A 269 -15.97 5.65 13.75
N ARG A 270 -16.49 6.41 12.80
CA ARG A 270 -17.59 5.87 12.00
C ARG A 270 -17.10 4.89 10.94
N ARG A 271 -15.83 4.95 10.58
CA ARG A 271 -15.39 4.09 9.49
C ARG A 271 -15.28 2.71 10.04
N PRO A 272 -15.48 1.71 9.20
CA PRO A 272 -15.35 0.33 9.69
C PRO A 272 -13.91 -0.06 10.03
N SER A 273 -13.73 -0.91 11.05
CA SER A 273 -12.41 -1.48 11.23
C SER A 273 -12.14 -2.44 10.05
N ALA A 274 -10.90 -2.87 9.93
CA ALA A 274 -10.57 -3.87 8.90
C ALA A 274 -11.32 -5.17 9.16
N MET A 275 -11.45 -5.58 10.44
CA MET A 275 -12.18 -6.80 10.77
C MET A 275 -13.65 -6.65 10.32
N ALA A 276 -14.25 -5.50 10.62
CA ALA A 276 -15.65 -5.26 10.26
C ALA A 276 -15.88 -5.19 8.72
N LEU A 277 -14.91 -4.60 8.03
CA LEU A 277 -14.92 -4.57 6.58
C LEU A 277 -14.92 -5.96 6.00
N VAL A 278 -13.97 -6.81 6.44
CA VAL A 278 -13.94 -8.15 5.86
C VAL A 278 -15.18 -8.99 6.13
N LYS A 279 -15.87 -8.76 7.26
CA LYS A 279 -17.12 -9.46 7.57
C LYS A 279 -18.41 -8.74 7.08
N HIS A 280 -18.25 -7.67 6.32
CA HIS A 280 -19.38 -6.83 5.93
C HIS A 280 -20.28 -7.61 4.98
N SER A 281 -21.59 -7.44 5.15
CA SER A 281 -22.56 -8.15 4.31
C SER A 281 -22.39 -7.87 2.83
N VAL A 282 -22.04 -6.65 2.50
CA VAL A 282 -21.83 -6.34 1.10
C VAL A 282 -20.72 -7.16 0.45
N LEU A 283 -19.75 -7.61 1.24
CA LEU A 283 -18.65 -8.35 0.68
C LEU A 283 -18.82 -9.85 0.83
MG MG B . 5.67 2.86 -3.22
MG MG C . 9.77 3.43 7.66
O3 824 D . 5.60 -6.56 -11.50
C19 824 D . 6.04 -5.59 -10.71
C20 824 D . 6.18 -4.30 -11.32
C18 824 D . 6.59 -3.15 -10.64
C16 824 D . 6.95 -3.28 -9.30
C15 824 D . 6.82 -4.60 -8.67
C17 824 D . 6.34 -5.76 -9.34
C13 824 D . 7.25 -4.34 -7.30
C14 824 D . 7.59 -2.93 -7.14
N2 824 D . 7.37 -2.38 -8.37
C4 824 D . 7.39 -5.18 -6.15
C5 824 D . 7.10 -6.58 -5.88
O1 824 D . 6.75 -7.45 -6.73
C3 824 D . 7.83 -4.61 -4.90
C6 824 D . 7.80 -5.79 -4.02
O2 824 D . 8.10 -5.73 -2.79
N1 824 D . 7.34 -6.92 -4.60
C2 824 D . 8.23 -3.21 -4.77
C1 824 D . 8.08 -2.40 -5.93
C7 824 D . 8.71 -2.63 -3.51
C8 824 D . 9.80 -3.23 -2.85
C9 824 D . 10.31 -2.68 -1.64
C10 824 D . 9.77 -1.47 -1.23
C11 824 D . 8.74 -0.85 -1.91
C12 824 D . 8.18 -1.41 -3.09
#